data_5JG9
#
_entry.id   5JG9
#
_cell.length_a   34.920
_cell.length_b   45.533
_cell.length_c   49.704
_cell.angle_alpha   90.00
_cell.angle_beta   105.09
_cell.angle_gamma   90.00
#
_symmetry.space_group_name_H-M   'P 1 21 1'
#
loop_
_entity.id
_entity.type
_entity.pdbx_description
1 polymer 'de novo design, hyper stable, disulfide-rich mini protein'
2 non-polymer 'CHLORIDE ION'
3 non-polymer GLYCEROL
4 water water
#
_entity_poly.entity_id   1
_entity_poly.type   'polypeptide(L)'
_entity_poly.pdbx_seq_one_letter_code
;GSEERRYKRCGQDEERVRRECKERGERQNCQYQIRKEGNCYVCEIRC
;
_entity_poly.pdbx_strand_id   A,B,C
#
loop_
_chem_comp.id
_chem_comp.type
_chem_comp.name
_chem_comp.formula
CL non-polymer 'CHLORIDE ION' 'Cl -1'
GOL non-polymer GLYCEROL 'C3 H8 O3'
#
# COMPACT_ATOMS: atom_id res chain seq x y z
N SER A 2 -6.29 10.80 -5.29
CA SER A 2 -5.36 11.33 -4.23
C SER A 2 -5.38 10.42 -2.99
N GLU A 3 -6.56 9.88 -2.64
CA GLU A 3 -6.69 8.92 -1.51
C GLU A 3 -6.79 7.41 -1.85
N GLU A 4 -5.93 6.60 -1.20
CA GLU A 4 -5.85 5.19 -1.43
C GLU A 4 -5.97 4.47 -0.07
N ARG A 5 -6.87 3.49 0.02
CA ARG A 5 -7.05 2.70 1.27
C ARG A 5 -6.72 1.29 0.92
N ARG A 6 -5.94 0.64 1.77
CA ARG A 6 -5.63 -0.77 1.68
C ARG A 6 -5.99 -1.54 2.92
N TYR A 7 -6.72 -2.65 2.73
CA TYR A 7 -7.16 -3.51 3.88
C TYR A 7 -6.48 -4.89 3.64
N LYS A 8 -5.43 -5.20 4.40
CA LYS A 8 -4.73 -6.47 4.28
C LYS A 8 -5.53 -7.50 5.08
N ARG A 9 -5.78 -8.69 4.49
CA ARG A 9 -6.72 -9.67 5.11
C ARG A 9 -6.14 -11.05 5.23
N CYS A 10 -5.04 -11.18 5.95
CA CYS A 10 -4.36 -12.48 6.10
C CYS A 10 -5.28 -13.53 6.74
N GLY A 11 -6.26 -13.09 7.52
CA GLY A 11 -7.20 -14.07 8.23
C GLY A 11 -8.36 -14.48 7.36
N GLN A 12 -8.30 -14.18 6.05
CA GLN A 12 -9.36 -14.56 5.13
C GLN A 12 -8.74 -15.17 3.91
N ASP A 13 -9.46 -16.09 3.29
CA ASP A 13 -9.12 -16.57 1.93
C ASP A 13 -9.41 -15.59 0.78
N GLU A 14 -8.76 -15.88 -0.34
CA GLU A 14 -8.81 -15.01 -1.50
C GLU A 14 -10.27 -14.76 -1.92
N GLU A 15 -11.09 -15.81 -1.90
CA GLU A 15 -12.46 -15.76 -2.41
C GLU A 15 -13.27 -14.69 -1.62
N ARG A 16 -13.14 -14.73 -0.29
CA ARG A 16 -13.83 -13.81 0.62
C ARG A 16 -13.34 -12.39 0.49
N VAL A 17 -12.03 -12.24 0.38
CA VAL A 17 -11.46 -10.94 0.28
C VAL A 17 -12.03 -10.24 -1.01
N ARG A 18 -12.00 -10.98 -2.11
CA ARG A 18 -12.38 -10.47 -3.43
C ARG A 18 -13.85 -10.03 -3.42
N ARG A 19 -14.67 -10.94 -2.89
CA ARG A 19 -16.14 -10.73 -2.68
C ARG A 19 -16.42 -9.49 -1.89
N GLU A 20 -15.79 -9.40 -0.73
CA GLU A 20 -16.06 -8.26 0.14
C GLU A 20 -15.40 -6.94 -0.33
N CYS A 21 -14.30 -7.03 -1.04
CA CYS A 21 -13.72 -5.82 -1.68
C CYS A 21 -14.62 -5.16 -2.77
N LYS A 22 -15.16 -6.00 -3.66
CA LYS A 22 -16.18 -5.61 -4.63
C LYS A 22 -17.40 -4.96 -3.97
N GLU A 23 -17.94 -5.64 -2.95
CA GLU A 23 -19.01 -5.11 -2.12
C GLU A 23 -18.69 -3.75 -1.57
N ARG A 24 -17.50 -3.63 -0.98
CA ARG A 24 -17.04 -2.39 -0.33
CA ARG A 24 -17.05 -2.39 -0.34
C ARG A 24 -16.94 -1.25 -1.37
N GLY A 25 -16.35 -1.51 -2.48
CA GLY A 25 -16.24 -0.47 -3.57
C GLY A 25 -17.60 -0.08 -4.08
N GLU A 26 -18.41 -1.09 -4.41
CA GLU A 26 -19.68 -0.84 -5.10
C GLU A 26 -20.62 -0.09 -4.20
N ARG A 27 -20.66 -0.48 -2.92
CA ARG A 27 -21.51 0.18 -1.94
C ARG A 27 -21.20 1.70 -1.83
N GLN A 28 -19.95 2.08 -2.07
CA GLN A 28 -19.50 3.41 -1.84
C GLN A 28 -19.31 4.17 -3.13
N ASN A 29 -19.54 3.53 -4.28
CA ASN A 29 -19.06 4.07 -5.58
C ASN A 29 -17.60 4.56 -5.55
N CYS A 30 -16.73 3.70 -5.08
CA CYS A 30 -15.27 3.87 -5.11
C CYS A 30 -14.70 2.66 -5.85
N GLN A 31 -13.58 2.86 -6.53
CA GLN A 31 -12.94 1.87 -7.32
C GLN A 31 -12.25 0.85 -6.41
N TYR A 32 -12.23 -0.38 -6.84
CA TYR A 32 -11.65 -1.42 -5.95
C TYR A 32 -10.76 -2.31 -6.78
N GLN A 33 -9.72 -2.80 -6.16
CA GLN A 33 -8.78 -3.75 -6.73
C GLN A 33 -8.22 -4.72 -5.64
N ILE A 34 -7.86 -5.94 -6.05
CA ILE A 34 -7.31 -6.92 -5.14
C ILE A 34 -5.86 -7.05 -5.50
N ARG A 35 -5.02 -6.87 -4.45
CA ARG A 35 -3.57 -6.95 -4.55
C ARG A 35 -3.11 -8.13 -3.65
N LYS A 36 -1.81 -8.43 -3.65
CA LYS A 36 -1.23 -9.40 -2.68
C LYS A 36 -0.02 -8.84 -2.00
N GLU A 37 0.06 -9.13 -0.74
CA GLU A 37 1.21 -8.85 0.03
C GLU A 37 1.65 -10.19 0.60
N GLY A 38 2.82 -10.73 0.12
CA GLY A 38 3.15 -12.07 0.48
C GLY A 38 2.09 -13.01 -0.05
N ASN A 39 1.56 -13.84 0.83
CA ASN A 39 0.38 -14.67 0.41
C ASN A 39 -0.97 -14.16 0.88
N CYS A 40 -1.02 -12.97 1.47
CA CYS A 40 -2.24 -12.33 1.97
C CYS A 40 -2.82 -11.47 0.91
N TYR A 41 -4.13 -11.53 0.74
CA TYR A 41 -4.85 -10.70 -0.18
C TYR A 41 -5.23 -9.40 0.51
N VAL A 42 -5.25 -8.36 -0.33
CA VAL A 42 -5.35 -6.97 0.08
C VAL A 42 -6.47 -6.35 -0.79
N CYS A 43 -7.46 -5.78 -0.14
CA CYS A 43 -8.46 -4.92 -0.76
C CYS A 43 -7.96 -3.46 -0.85
N GLU A 44 -7.81 -2.95 -2.04
CA GLU A 44 -7.49 -1.52 -2.23
C GLU A 44 -8.68 -0.77 -2.72
N ILE A 45 -9.02 0.32 -2.05
CA ILE A 45 -10.23 1.14 -2.37
C ILE A 45 -9.67 2.51 -2.76
N ARG A 46 -10.16 3.03 -3.85
CA ARG A 46 -9.85 4.42 -4.31
C ARG A 46 -11.22 5.21 -4.50
N CYS A 47 -11.57 6.12 -3.59
CA CYS A 47 -12.76 6.95 -3.69
C CYS A 47 -12.42 8.32 -4.28
N GLY B 1 -7.35 -7.89 10.40
CA GLY B 1 -6.30 -7.44 9.43
C GLY B 1 -5.48 -6.21 9.88
N SER B 2 -5.16 -5.35 8.91
CA SER B 2 -4.49 -4.07 9.14
C SER B 2 -4.98 -3.02 8.07
N GLU B 3 -5.46 -1.82 8.51
CA GLU B 3 -5.91 -0.73 7.59
CA GLU B 3 -5.94 -0.73 7.62
C GLU B 3 -4.99 0.48 7.40
N GLU B 4 -4.63 0.74 6.13
CA GLU B 4 -3.80 1.83 5.78
C GLU B 4 -4.50 2.75 4.85
N ARG B 5 -4.40 4.02 5.12
CA ARG B 5 -4.91 5.06 4.19
CA ARG B 5 -4.91 5.06 4.19
C ARG B 5 -3.82 6.05 3.86
N ARG B 6 -3.69 6.37 2.60
CA ARG B 6 -2.66 7.24 2.08
C ARG B 6 -3.31 8.35 1.28
N TYR B 7 -2.97 9.57 1.66
CA TYR B 7 -3.52 10.85 1.16
C TYR B 7 -2.36 11.63 0.54
N LYS B 8 -2.28 11.59 -0.79
CA LYS B 8 -1.23 12.26 -1.53
C LYS B 8 -1.58 13.70 -1.67
N ARG B 9 -0.61 14.57 -1.32
CA ARG B 9 -0.88 16.03 -1.29
C ARG B 9 0.10 16.88 -2.11
N CYS B 10 0.05 16.66 -3.43
CA CYS B 10 0.88 17.37 -4.42
C CYS B 10 0.68 18.85 -4.38
N GLY B 11 -0.50 19.30 -3.96
CA GLY B 11 -0.78 20.78 -3.88
C GLY B 11 -0.43 21.49 -2.60
N GLN B 12 0.20 20.82 -1.65
CA GLN B 12 0.46 21.39 -0.36
C GLN B 12 1.90 21.24 -0.01
N ASP B 13 2.33 22.19 0.83
CA ASP B 13 3.57 22.30 1.57
C ASP B 13 3.89 21.10 2.46
N GLU B 14 5.14 20.68 2.51
CA GLU B 14 5.52 19.57 3.34
C GLU B 14 5.07 19.78 4.79
N GLU B 15 5.28 21.00 5.28
CA GLU B 15 4.91 21.33 6.66
C GLU B 15 3.40 21.20 6.95
N ARG B 16 2.56 21.59 5.99
CA ARG B 16 1.08 21.47 6.09
C ARG B 16 0.66 20.02 6.08
N VAL B 17 1.27 19.26 5.17
CA VAL B 17 0.97 17.87 5.08
C VAL B 17 1.27 17.22 6.46
N ARG B 18 2.44 17.55 7.04
CA ARG B 18 2.87 16.93 8.30
C ARG B 18 1.99 17.22 9.46
N ARG B 19 1.68 18.51 9.61
CA ARG B 19 0.74 19.00 10.61
C ARG B 19 -0.63 18.33 10.50
N GLU B 20 -1.21 18.32 9.29
CA GLU B 20 -2.56 17.78 9.17
C GLU B 20 -2.57 16.24 9.29
N CYS B 21 -1.48 15.59 8.92
CA CYS B 21 -1.32 14.16 9.10
C CYS B 21 -1.32 13.74 10.59
N LYS B 22 -0.54 14.46 11.37
CA LYS B 22 -0.43 14.29 12.83
C LYS B 22 -1.78 14.46 13.51
N GLU B 23 -2.45 15.57 13.18
CA GLU B 23 -3.86 15.79 13.56
C GLU B 23 -4.77 14.61 13.23
N ARG B 24 -4.66 14.10 12.02
CA ARG B 24 -5.56 13.04 11.54
C ARG B 24 -5.30 11.70 12.27
N GLY B 25 -4.05 11.33 12.40
CA GLY B 25 -3.64 10.16 13.21
C GLY B 25 -4.12 10.27 14.68
N GLU B 26 -3.75 11.39 15.33
CA GLU B 26 -3.97 11.53 16.77
C GLU B 26 -5.43 11.51 17.07
N ARG B 27 -6.26 12.16 16.26
CA ARG B 27 -7.72 12.18 16.46
C ARG B 27 -8.40 10.77 16.48
N GLN B 28 -7.81 9.85 15.78
CA GLN B 28 -8.34 8.52 15.55
C GLN B 28 -7.58 7.48 16.34
N ASN B 29 -6.51 7.89 17.04
CA ASN B 29 -5.53 6.94 17.54
C ASN B 29 -5.09 5.90 16.53
N CYS B 30 -4.67 6.42 15.35
CA CYS B 30 -3.97 5.62 14.36
C CYS B 30 -2.53 6.17 14.23
N GLN B 31 -1.57 5.29 13.89
CA GLN B 31 -0.29 5.69 13.53
C GLN B 31 -0.36 6.63 12.30
N TYR B 32 0.49 7.65 12.33
CA TYR B 32 0.68 8.48 11.11
C TYR B 32 2.14 8.61 10.75
N GLN B 33 2.39 8.68 9.42
CA GLN B 33 3.72 8.73 8.90
C GLN B 33 3.70 9.54 7.59
N ILE B 34 4.74 10.34 7.36
CA ILE B 34 4.78 11.20 6.19
C ILE B 34 5.74 10.54 5.23
N ARG B 35 5.23 10.27 4.02
CA ARG B 35 5.98 9.55 3.00
C ARG B 35 6.08 10.50 1.78
N LYS B 36 6.72 10.02 0.75
CA LYS B 36 6.73 10.75 -0.53
C LYS B 36 6.33 9.80 -1.64
N GLU B 37 5.61 10.33 -2.60
CA GLU B 37 5.47 9.70 -3.91
C GLU B 37 6.00 10.68 -4.93
N GLY B 38 7.12 10.34 -5.56
CA GLY B 38 7.74 11.31 -6.41
C GLY B 38 8.14 12.45 -5.49
N ASN B 39 7.83 13.67 -5.92
CA ASN B 39 8.15 14.85 -5.13
C ASN B 39 6.99 15.35 -4.27
N CYS B 40 5.86 14.61 -4.25
CA CYS B 40 4.69 14.89 -3.48
C CYS B 40 4.68 14.21 -2.11
N TYR B 41 4.36 14.98 -1.06
CA TYR B 41 4.24 14.44 0.27
C TYR B 41 2.90 13.70 0.40
N VAL B 42 2.91 12.66 1.23
CA VAL B 42 1.81 11.68 1.41
C VAL B 42 1.62 11.45 2.92
N CYS B 43 0.39 11.64 3.40
CA CYS B 43 0.03 11.29 4.78
C CYS B 43 -0.41 9.83 4.71
N GLU B 44 0.32 8.97 5.41
CA GLU B 44 -0.03 7.61 5.52
C GLU B 44 -0.56 7.35 6.94
N ILE B 45 -1.74 6.83 7.03
CA ILE B 45 -2.45 6.59 8.32
C ILE B 45 -2.54 5.06 8.39
N ARG B 46 -2.11 4.46 9.51
CA ARG B 46 -2.24 3.02 9.78
C ARG B 46 -2.99 2.74 11.05
N CYS B 47 -4.15 2.18 10.81
CA CYS B 47 -5.11 1.90 11.87
C CYS B 47 -5.10 0.35 12.05
N GLY C 1 -4.34 -15.61 -7.66
CA GLY C 1 -3.32 -14.59 -7.34
C GLY C 1 -3.66 -13.14 -7.67
N SER C 2 -2.66 -12.36 -8.05
CA SER C 2 -2.86 -10.94 -8.38
C SER C 2 -1.96 -10.37 -9.52
N GLU C 3 -2.39 -9.26 -10.12
CA GLU C 3 -1.52 -8.48 -11.03
C GLU C 3 -0.54 -7.51 -10.33
N GLU C 4 -0.79 -7.14 -9.05
CA GLU C 4 0.21 -6.46 -8.22
C GLU C 4 0.51 -7.36 -7.02
N ARG C 5 1.78 -7.59 -6.83
CA ARG C 5 2.30 -8.39 -5.69
C ARG C 5 3.41 -7.70 -5.01
N ARG C 6 3.42 -7.77 -3.67
CA ARG C 6 4.55 -7.25 -2.88
C ARG C 6 5.16 -8.29 -2.01
N TYR C 7 6.50 -8.22 -1.92
CA TYR C 7 7.33 -9.30 -1.25
C TYR C 7 8.27 -8.57 -0.24
N LYS C 8 8.03 -8.69 1.05
CA LYS C 8 8.92 -8.13 2.09
C LYS C 8 10.10 -9.06 2.41
N ARG C 9 11.33 -8.54 2.40
CA ARG C 9 12.53 -9.40 2.44
C ARG C 9 13.52 -9.07 3.57
N CYS C 10 13.05 -9.22 4.82
CA CYS C 10 13.78 -8.84 5.96
C CYS C 10 15.04 -9.69 6.09
N GLY C 11 15.01 -10.88 5.54
CA GLY C 11 16.19 -11.77 5.59
C GLY C 11 17.20 -11.52 4.46
N GLN C 12 17.11 -10.39 3.78
CA GLN C 12 18.07 -10.01 2.76
C GLN C 12 18.46 -8.55 2.85
N ASP C 13 19.66 -8.24 2.38
CA ASP C 13 20.06 -6.86 2.28
C ASP C 13 19.45 -6.11 1.05
N GLU C 14 19.59 -4.81 1.12
CA GLU C 14 19.03 -3.95 0.11
C GLU C 14 19.57 -4.35 -1.28
N GLU C 15 20.88 -4.62 -1.38
CA GLU C 15 21.49 -4.86 -2.69
C GLU C 15 20.73 -6.01 -3.37
N ARG C 16 20.49 -7.07 -2.61
CA ARG C 16 19.94 -8.29 -3.14
C ARG C 16 18.51 -8.10 -3.55
N VAL C 17 17.79 -7.41 -2.69
CA VAL C 17 16.35 -7.23 -2.90
C VAL C 17 16.15 -6.45 -4.22
N ARG C 18 16.95 -5.38 -4.40
CA ARG C 18 16.86 -4.50 -5.54
C ARG C 18 17.19 -5.22 -6.81
N ARG C 19 18.33 -5.88 -6.80
CA ARG C 19 18.75 -6.73 -7.89
C ARG C 19 17.72 -7.81 -8.24
N GLU C 20 17.24 -8.62 -7.26
CA GLU C 20 16.36 -9.69 -7.60
C GLU C 20 14.96 -9.14 -8.00
N CYS C 21 14.59 -7.99 -7.50
CA CYS C 21 13.27 -7.34 -7.90
C CYS C 21 13.33 -6.90 -9.33
N LYS C 22 14.40 -6.23 -9.71
CA LYS C 22 14.71 -5.86 -11.11
C LYS C 22 14.72 -7.02 -12.02
N GLU C 23 15.50 -8.07 -11.65
CA GLU C 23 15.54 -9.33 -12.39
C GLU C 23 14.12 -9.90 -12.64
N ARG C 24 13.32 -9.97 -11.58
CA ARG C 24 11.99 -10.48 -11.62
C ARG C 24 11.12 -9.64 -12.61
N GLY C 25 11.13 -8.32 -12.46
CA GLY C 25 10.30 -7.45 -13.28
C GLY C 25 10.71 -7.60 -14.73
N GLU C 26 12.02 -7.54 -14.98
CA GLU C 26 12.56 -7.49 -16.38
C GLU C 26 12.31 -8.81 -17.08
N ARG C 27 12.53 -9.93 -16.38
CA ARG C 27 12.24 -11.29 -16.93
C ARG C 27 10.75 -11.54 -17.31
N GLN C 28 9.85 -10.88 -16.61
CA GLN C 28 8.41 -11.03 -16.82
C GLN C 28 7.78 -9.88 -17.58
N ASN C 29 8.56 -8.83 -17.95
CA ASN C 29 7.98 -7.58 -18.46
C ASN C 29 6.85 -7.08 -17.60
N CYS C 30 7.14 -7.04 -16.31
CA CYS C 30 6.28 -6.39 -15.31
C CYS C 30 7.09 -5.28 -14.70
N GLN C 31 6.40 -4.18 -14.36
CA GLN C 31 6.97 -3.09 -13.64
C GLN C 31 7.48 -3.57 -12.29
N TYR C 32 8.57 -2.99 -11.85
CA TYR C 32 9.03 -3.28 -10.54
C TYR C 32 9.45 -2.05 -9.79
N GLN C 33 9.26 -2.10 -8.47
CA GLN C 33 9.58 -0.97 -7.60
C GLN C 33 10.00 -1.47 -6.18
N ILE C 34 10.94 -0.80 -5.55
CA ILE C 34 11.49 -1.18 -4.29
C ILE C 34 10.97 -0.13 -3.27
N ARG C 35 10.37 -0.64 -2.21
CA ARG C 35 9.87 0.17 -1.08
C ARG C 35 10.59 -0.28 0.21
N LYS C 36 10.23 0.34 1.33
CA LYS C 36 10.73 -0.09 2.68
C LYS C 36 9.66 -0.15 3.72
N GLU C 37 9.76 -1.18 4.54
CA GLU C 37 8.87 -1.32 5.64
C GLU C 37 9.82 -1.45 6.79
N GLY C 38 9.85 -0.44 7.64
CA GLY C 38 10.86 -0.38 8.69
C GLY C 38 12.23 -0.34 8.01
N ASN C 39 13.12 -1.26 8.40
CA ASN C 39 14.39 -1.42 7.69
C ASN C 39 14.45 -2.57 6.71
N CYS C 40 13.32 -3.23 6.46
CA CYS C 40 13.23 -4.29 5.51
C CYS C 40 12.86 -3.72 4.11
N TYR C 41 13.56 -4.20 3.10
CA TYR C 41 13.24 -3.78 1.73
C TYR C 41 12.16 -4.73 1.18
N VAL C 42 11.33 -4.17 0.30
CA VAL C 42 10.08 -4.72 -0.21
C VAL C 42 10.07 -4.57 -1.75
N CYS C 43 9.87 -5.67 -2.45
CA CYS C 43 9.75 -5.71 -3.93
C CYS C 43 8.30 -5.69 -4.30
N GLU C 44 7.90 -4.69 -5.05
CA GLU C 44 6.58 -4.70 -5.66
C GLU C 44 6.67 -4.97 -7.16
N ILE C 45 5.88 -5.93 -7.65
CA ILE C 45 5.86 -6.32 -9.08
C ILE C 45 4.43 -6.02 -9.56
N ARG C 46 4.32 -5.27 -10.65
CA ARG C 46 2.99 -4.90 -11.26
C ARG C 46 3.00 -5.35 -12.66
N CYS C 47 2.26 -6.40 -12.86
CA CYS C 47 2.04 -7.03 -14.17
C CYS C 47 0.79 -6.53 -14.92
CL CL D . -2.98 18.63 -2.32
C1 GOL E . 6.38 -11.76 1.00
O1 GOL E . 6.47 -13.19 0.73
C2 GOL E . 6.06 -11.30 2.40
O2 GOL E . 5.69 -9.90 2.45
C3 GOL E . 7.33 -11.46 3.24
O3 GOL E . 7.24 -11.43 4.67
#